data_7VCK
#
_entry.id   7VCK
#
loop_
_entity.id
_entity.type
_entity.pdbx_description
1 polymer "DNA (5'-D(*GP*GP*CP*CP*TP*GP*GP*GP*CP*CP*TP*G)-3')"
2 non-polymer 'SODIUM ION'
#
_entity_poly.entity_id   1
_entity_poly.type   'polydeoxyribonucleotide'
_entity_poly.pdbx_seq_one_letter_code
;(DG)(DG)(DC)(DC)(DT)(DG)(DG)(DG)(DC)(DC)(DT)(DG)
;
_entity_poly.pdbx_strand_id   A
#